data_5FZF
#
_entry.id   5FZF
#
_cell.length_a   141.710
_cell.length_b   141.710
_cell.length_c   150.910
_cell.angle_alpha   90.00
_cell.angle_beta   90.00
_cell.angle_gamma   120.00
#
_symmetry.space_group_name_H-M   'P 65 2 2'
#
loop_
_entity.id
_entity.type
_entity.pdbx_description
1 polymer 'LYSINE-SPECIFIC DEMETHYLASE 5B'
2 non-polymer 'ZINC ION'
3 non-polymer N-hydroxy-2-[(6-oxo-4-phenyl-1,6-dihydropyrimidin-2-yl)sulfanyl]acetamide
4 non-polymer 'MANGANESE (II) ION'
5 non-polymer 'CHLORIDE ION'
6 non-polymer 1,2-ETHANEDIOL
7 non-polymer 'DIMETHYL SULFOXIDE'
8 non-polymer 'PHOSPHATE ION'
9 water water
#
_entity_poly.entity_id   1
_entity_poly.type   'polypeptide(L)'
_entity_poly.pdbx_seq_one_letter_code
;SMFLPPPECPVFEPSWEEFADPFAFIHKIRPIAEQTGICKVRPPPDWQPPFACDVDKLHFTPRIQRLNELEAQTRVKLGG
GGARDYTLRTFGEMADAFKSDYFNMPVHMVPTELVEKEFWRLVSTIEEDVTVEYGADIASKEFGSGFPVRDGKIKLSPEE
EEYLDSGWNLNNMPVMEQSVLAHITADICGMKLPWLYVGMCFSSFCWHIEDHWSYSINYLHWGEPKTWYGVPGYAAEQLE
NVMKKLAPELFVSQPDLLHQLVTIMNPNTLMTHEVPVYRTNQCAGEFVITFPRAYHSGFNQGFNFAEAVNFCTVDWLPLG
RQCVEHYRLLHRYCVFSHDEMICKMASKADVLDVVVASTVQKDMAIMIEDEKALRETVRKLGVIDSERMDFELLPDDERQ
CVKCKTTCFMSAISCSCKPGLLVCLHHVKELCSCPPYKYKLRYRYTLDDLYPMMNALKLRAESYNEWALNVNEALEAKI
;
_entity_poly.pdbx_strand_id   A
#
loop_
_chem_comp.id
_chem_comp.type
_chem_comp.name
_chem_comp.formula
CL non-polymer 'CHLORIDE ION' 'Cl -1'
DMS non-polymer 'DIMETHYL SULFOXIDE' 'C2 H6 O S'
EDO non-polymer 1,2-ETHANEDIOL 'C2 H6 O2'
MN non-polymer 'MANGANESE (II) ION' 'Mn 2'
PO4 non-polymer 'PHOSPHATE ION' 'O4 P -3'
UUN non-polymer N-hydroxy-2-[(6-oxo-4-phenyl-1,6-dihydropyrimidin-2-yl)sulfanyl]acetamide 'C12 H11 N3 O3 S'
ZN non-polymer 'ZINC ION' 'Zn 2'
#
# COMPACT_ATOMS: atom_id res chain seq x y z
N SER A 1 27.42 -10.07 -15.69
CA SER A 1 27.47 -11.47 -16.07
C SER A 1 26.79 -12.29 -14.99
N MET A 2 27.26 -12.16 -13.77
CA MET A 2 26.53 -12.72 -12.65
C MET A 2 25.29 -11.84 -12.43
N PHE A 3 25.49 -10.54 -12.22
CA PHE A 3 24.34 -9.62 -12.08
C PHE A 3 24.48 -8.37 -12.95
N LEU A 4 23.49 -8.15 -13.81
CA LEU A 4 23.45 -6.94 -14.62
C LEU A 4 22.45 -5.95 -14.02
N PRO A 5 22.95 -4.80 -13.51
CA PRO A 5 21.99 -3.91 -12.85
C PRO A 5 20.97 -3.36 -13.84
N PRO A 6 19.69 -3.39 -13.45
CA PRO A 6 18.65 -2.73 -14.25
C PRO A 6 18.97 -1.27 -14.49
N PRO A 7 18.39 -0.68 -15.54
CA PRO A 7 18.56 0.77 -15.75
C PRO A 7 17.97 1.56 -14.60
N GLU A 8 18.53 2.74 -14.38
CA GLU A 8 18.11 3.63 -13.31
C GLU A 8 16.71 4.18 -13.56
N CYS A 9 15.91 4.24 -12.50
CA CYS A 9 14.58 4.87 -12.59
C CYS A 9 14.74 6.40 -12.69
N PRO A 10 13.65 7.12 -13.05
CA PRO A 10 13.72 8.59 -13.06
C PRO A 10 14.03 9.20 -11.70
N VAL A 11 14.80 10.29 -11.71
CA VAL A 11 15.12 11.04 -10.51
C VAL A 11 14.68 12.48 -10.75
N PHE A 12 13.87 13.01 -9.83
CA PHE A 12 13.35 14.35 -10.00
C PHE A 12 13.97 15.27 -8.93
N GLU A 13 14.35 16.47 -9.34
CA GLU A 13 14.88 17.48 -8.42
C GLU A 13 14.04 18.75 -8.51
N PRO A 14 12.82 18.72 -7.93
CA PRO A 14 11.88 19.84 -8.06
C PRO A 14 12.35 21.09 -7.34
N SER A 15 12.01 22.27 -7.89
CA SER A 15 12.20 23.52 -7.18
C SER A 15 11.25 23.58 -5.99
N TRP A 16 11.47 24.53 -5.10
CA TRP A 16 10.56 24.66 -3.97
C TRP A 16 9.13 24.90 -4.46
N GLU A 17 8.97 25.72 -5.48
CA GLU A 17 7.63 26.01 -6.04
C GLU A 17 6.97 24.72 -6.52
N GLU A 18 7.70 23.93 -7.30
CA GLU A 18 7.22 22.63 -7.77
C GLU A 18 6.99 21.60 -6.67
N PHE A 19 7.77 21.69 -5.59
CA PHE A 19 7.79 20.67 -4.53
C PHE A 19 6.68 20.85 -3.50
N ALA A 20 6.38 22.10 -3.19
CA ALA A 20 5.49 22.46 -2.09
C ALA A 20 4.19 21.65 -2.06
N ASP A 21 3.55 21.50 -3.22
CA ASP A 21 2.31 20.73 -3.31
C ASP A 21 2.59 19.35 -3.91
N PRO A 22 2.60 18.32 -3.04
CA PRO A 22 2.90 16.93 -3.44
C PRO A 22 1.93 16.37 -4.47
N PHE A 23 0.65 16.69 -4.32
CA PHE A 23 -0.36 16.20 -5.25
C PHE A 23 -0.13 16.76 -6.64
N ALA A 24 0.14 18.05 -6.73
CA ALA A 24 0.42 18.69 -8.01
C ALA A 24 1.70 18.12 -8.62
N PHE A 25 2.70 17.88 -7.77
CA PHE A 25 3.98 17.41 -8.25
C PHE A 25 3.86 15.99 -8.83
N ILE A 26 3.20 15.11 -8.09
CA ILE A 26 3.04 13.73 -8.52
C ILE A 26 2.21 13.65 -9.80
N HIS A 27 1.19 14.49 -9.89
CA HIS A 27 0.38 14.57 -11.10
C HIS A 27 1.25 14.99 -12.29
N LYS A 28 2.14 15.94 -12.05
CA LYS A 28 3.04 16.41 -13.09
C LYS A 28 4.02 15.34 -13.61
N ILE A 29 4.59 14.55 -12.71
CA ILE A 29 5.61 13.58 -13.11
C ILE A 29 5.01 12.25 -13.59
N ARG A 30 3.71 12.07 -13.35
CA ARG A 30 3.03 10.83 -13.72
C ARG A 30 3.27 10.31 -15.16
N PRO A 31 3.24 11.18 -16.19
CA PRO A 31 3.45 10.62 -17.53
C PRO A 31 4.78 9.88 -17.66
N ILE A 32 5.80 10.35 -16.94
CA ILE A 32 7.10 9.70 -16.93
C ILE A 32 7.14 8.50 -15.98
N ALA A 33 6.82 8.75 -14.72
CA ALA A 33 7.05 7.75 -13.68
C ALA A 33 6.12 6.54 -13.79
N GLU A 34 4.96 6.71 -14.41
CA GLU A 34 4.04 5.58 -14.53
C GLU A 34 4.60 4.54 -15.50
N GLN A 35 5.55 4.94 -16.35
CA GLN A 35 6.22 4.03 -17.26
C GLN A 35 7.33 3.23 -16.60
N THR A 36 7.75 3.65 -15.41
CA THR A 36 8.85 2.96 -14.72
C THR A 36 8.44 2.35 -13.38
N GLY A 37 7.22 2.66 -12.93
CA GLY A 37 6.72 2.09 -11.70
C GLY A 37 7.20 2.79 -10.44
N ILE A 38 8.50 3.08 -10.38
CA ILE A 38 9.06 3.85 -9.28
C ILE A 38 9.83 5.06 -9.81
N CYS A 39 10.00 6.05 -8.94
CA CYS A 39 10.88 7.18 -9.23
C CYS A 39 11.42 7.72 -7.92
N LYS A 40 12.48 8.51 -8.00
CA LYS A 40 13.09 9.08 -6.83
C LYS A 40 12.92 10.59 -6.88
N VAL A 41 12.68 11.20 -5.72
CA VAL A 41 12.53 12.64 -5.63
C VAL A 41 13.53 13.22 -4.63
N ARG A 42 14.38 14.12 -5.10
CA ARG A 42 15.29 14.85 -4.21
C ARG A 42 14.67 16.19 -3.86
N PRO A 43 14.34 16.38 -2.58
CA PRO A 43 13.76 17.64 -2.13
C PRO A 43 14.74 18.79 -2.31
N PRO A 44 14.22 20.01 -2.51
CA PRO A 44 15.05 21.23 -2.57
C PRO A 44 15.97 21.29 -1.37
N PRO A 45 17.16 21.88 -1.52
CA PRO A 45 18.19 21.96 -0.46
C PRO A 45 17.65 22.64 0.79
N ASP A 46 16.75 23.57 0.53
CA ASP A 46 15.80 24.10 1.50
C ASP A 46 15.34 23.03 2.49
N TRP A 47 14.57 22.07 1.99
CA TRP A 47 13.80 21.14 2.80
C TRP A 47 14.69 20.17 3.59
N GLN A 48 14.72 20.35 4.90
CA GLN A 48 15.57 19.53 5.79
C GLN A 48 14.90 19.29 7.11
N PRO A 49 14.04 18.28 7.19
CA PRO A 49 13.32 17.96 8.42
C PRO A 49 14.31 17.57 9.49
N PRO A 50 14.04 17.93 10.74
CA PRO A 50 15.01 17.60 11.78
C PRO A 50 14.86 16.16 12.20
N PHE A 51 15.95 15.40 12.22
N PHE A 51 15.97 15.42 12.34
CA PHE A 51 15.82 14.13 12.88
CA PHE A 51 15.91 14.02 12.79
C PHE A 51 16.55 14.17 14.21
C PHE A 51 16.60 13.82 14.16
N ALA A 52 15.80 13.80 15.23
CA ALA A 52 16.34 13.68 16.58
C ALA A 52 15.71 12.51 17.32
N CYS A 53 16.54 11.66 17.90
CA CYS A 53 16.04 10.57 18.71
C CYS A 53 17.06 10.10 19.74
N ASP A 54 16.57 9.55 20.84
CA ASP A 54 17.43 8.88 21.81
C ASP A 54 17.46 7.38 21.47
N VAL A 55 18.61 6.92 20.96
CA VAL A 55 18.71 5.57 20.46
C VAL A 55 18.61 4.55 21.58
N ASP A 56 18.77 5.01 22.82
CA ASP A 56 18.66 4.12 23.97
C ASP A 56 17.21 3.97 24.48
N LYS A 57 16.31 4.85 24.05
CA LYS A 57 14.94 4.76 24.55
C LYS A 57 13.97 4.20 23.52
N LEU A 58 14.36 4.24 22.25
CA LEU A 58 13.56 3.63 21.20
C LEU A 58 13.78 2.14 21.22
N HIS A 59 12.71 1.36 21.26
CA HIS A 59 12.89 -0.08 21.21
C HIS A 59 11.78 -0.75 20.41
N PHE A 60 12.07 -1.95 19.93
CA PHE A 60 11.14 -2.69 19.09
C PHE A 60 11.45 -4.16 19.07
N THR A 61 10.44 -4.95 18.69
CA THR A 61 10.60 -6.38 18.51
C THR A 61 11.03 -6.65 17.07
N PRO A 62 12.20 -7.25 16.89
CA PRO A 62 12.72 -7.49 15.56
C PRO A 62 12.01 -8.64 14.87
N ARG A 63 11.89 -8.58 13.56
CA ARG A 63 11.49 -9.71 12.77
C ARG A 63 12.73 -10.37 12.19
N ILE A 64 12.64 -11.66 11.92
CA ILE A 64 13.79 -12.38 11.41
C ILE A 64 13.50 -12.89 10.00
N GLN A 65 14.53 -12.99 9.19
CA GLN A 65 14.35 -13.21 7.77
C GLN A 65 15.45 -14.08 7.21
N ARG A 66 15.07 -15.19 6.54
CA ARG A 66 16.01 -15.99 5.76
C ARG A 66 16.07 -15.39 4.36
N LEU A 67 17.23 -15.44 3.74
CA LEU A 67 17.40 -14.84 2.43
C LEU A 67 17.59 -15.89 1.32
N ASN A 68 16.51 -16.52 0.90
CA ASN A 68 16.54 -17.49 -0.19
C ASN A 68 15.60 -17.10 -1.31
N GLU A 69 16.12 -17.00 -2.52
CA GLU A 69 15.30 -16.66 -3.68
C GLU A 69 14.22 -17.72 -3.89
N LEU A 70 13.01 -17.26 -4.24
CA LEU A 70 11.86 -18.09 -4.53
C LEU A 70 11.25 -18.77 -3.30
N GLU A 71 11.86 -18.60 -2.14
CA GLU A 71 11.27 -19.12 -0.91
C GLU A 71 10.10 -18.24 -0.45
N ALA A 72 9.03 -18.87 0.04
CA ALA A 72 7.85 -18.14 0.52
C ALA A 72 8.11 -17.34 1.81
N GLN A 73 7.59 -16.12 1.83
CA GLN A 73 7.60 -15.26 3.02
C GLN A 73 6.24 -14.59 3.10
N THR A 74 5.91 -14.01 4.25
CA THR A 74 4.68 -13.22 4.42
C THR A 74 4.99 -11.82 4.94
N ARG A 75 4.19 -10.84 4.51
CA ARG A 75 4.35 -9.43 4.93
C ARG A 75 4.07 -9.15 6.42
N VAL A 76 3.16 -9.87 7.06
CA VAL A 76 2.95 -9.61 8.49
C VAL A 76 3.39 -10.77 9.38
N LYS A 77 3.77 -10.43 10.61
CA LYS A 77 4.27 -11.41 11.57
C LYS A 77 3.17 -12.38 11.97
N ARG A 84 11.89 -11.36 22.21
N ARG A 84 11.60 -11.26 21.93
CA ARG A 84 13.07 -10.62 21.79
CA ARG A 84 12.89 -10.58 22.03
C ARG A 84 12.78 -9.12 21.66
C ARG A 84 12.73 -9.08 21.76
N ASP A 85 13.78 -8.29 21.98
CA ASP A 85 13.66 -6.83 21.81
C ASP A 85 15.02 -6.09 21.76
N TYR A 86 15.16 -5.18 20.80
CA TYR A 86 16.36 -4.35 20.63
C TYR A 86 16.04 -2.92 21.00
N THR A 87 17.03 -2.16 21.45
CA THR A 87 16.90 -0.71 21.34
C THR A 87 17.44 -0.32 19.99
N LEU A 88 17.17 0.90 19.55
CA LEU A 88 17.77 1.33 18.31
C LEU A 88 19.30 1.24 18.41
N ARG A 89 19.87 1.53 19.59
CA ARG A 89 21.32 1.42 19.72
C ARG A 89 21.82 -0.01 19.55
N THR A 90 21.22 -0.97 20.26
CA THR A 90 21.73 -2.33 20.22
C THR A 90 21.46 -2.98 18.85
N PHE A 91 20.38 -2.57 18.17
CA PHE A 91 20.15 -3.06 16.82
C PHE A 91 21.25 -2.56 15.90
N GLY A 92 21.54 -1.26 16.02
CA GLY A 92 22.57 -0.60 15.25
C GLY A 92 23.94 -1.24 15.44
N GLU A 93 24.27 -1.58 16.67
CA GLU A 93 25.54 -2.23 17.00
C GLU A 93 25.61 -3.62 16.37
N MET A 94 24.52 -4.36 16.45
CA MET A 94 24.41 -5.68 15.83
C MET A 94 24.55 -5.55 14.32
N ALA A 95 23.84 -4.58 13.76
CA ALA A 95 23.78 -4.39 12.31
C ALA A 95 25.14 -3.99 11.74
N ASP A 96 25.81 -3.05 12.39
CA ASP A 96 27.13 -2.57 11.94
C ASP A 96 28.18 -3.68 12.04
N ALA A 97 28.16 -4.40 13.15
CA ALA A 97 29.06 -5.55 13.34
C ALA A 97 28.81 -6.64 12.29
N PHE A 98 27.55 -6.92 12.00
CA PHE A 98 27.23 -7.91 10.96
C PHE A 98 27.85 -7.52 9.62
N LYS A 99 27.66 -6.28 9.22
CA LYS A 99 28.12 -5.86 7.92
C LYS A 99 29.65 -5.81 7.86
N SER A 100 30.28 -5.27 8.89
CA SER A 100 31.72 -5.11 8.82
C SER A 100 32.39 -6.49 8.92
N ASP A 101 31.82 -7.41 9.69
CA ASP A 101 32.31 -8.79 9.74
C ASP A 101 32.09 -9.56 8.43
N TYR A 102 30.95 -9.34 7.79
CA TYR A 102 30.60 -10.03 6.56
C TYR A 102 31.59 -9.70 5.46
N PHE A 103 32.04 -8.45 5.43
CA PHE A 103 32.92 -8.01 4.35
C PHE A 103 34.38 -7.81 4.78
N ASN A 104 34.66 -7.95 6.06
CA ASN A 104 35.93 -7.55 6.67
C ASN A 104 36.37 -6.14 6.23
N MET A 105 35.43 -5.20 6.25
CA MET A 105 35.71 -3.81 5.87
C MET A 105 34.92 -2.87 6.80
N PRO A 106 35.31 -1.59 6.86
CA PRO A 106 34.43 -0.63 7.55
C PRO A 106 33.10 -0.48 6.78
N VAL A 107 31.96 -0.28 7.46
CA VAL A 107 30.64 -0.38 6.78
C VAL A 107 30.46 0.56 5.58
N HIS A 108 31.12 1.73 5.60
CA HIS A 108 30.88 2.68 4.52
C HIS A 108 31.89 2.57 3.41
N MET A 109 32.90 1.73 3.60
CA MET A 109 33.84 1.57 2.51
C MET A 109 33.37 0.45 1.61
N VAL A 110 32.26 -0.20 1.96
CA VAL A 110 31.68 -1.23 1.09
C VAL A 110 30.83 -0.58 -0.01
N PRO A 111 31.30 -0.65 -1.26
CA PRO A 111 30.61 -0.09 -2.43
C PRO A 111 29.18 -0.61 -2.57
N THR A 112 28.24 0.26 -2.94
CA THR A 112 26.84 -0.16 -3.05
C THR A 112 26.66 -1.22 -4.12
N GLU A 113 27.42 -1.10 -5.21
CA GLU A 113 27.45 -2.07 -6.30
C GLU A 113 27.87 -3.47 -5.81
N LEU A 114 28.78 -3.49 -4.83
CA LEU A 114 29.27 -4.76 -4.30
C LEU A 114 28.20 -5.42 -3.43
N VAL A 115 27.58 -4.65 -2.54
CA VAL A 115 26.52 -5.20 -1.70
C VAL A 115 25.40 -5.77 -2.57
N GLU A 116 25.05 -5.05 -3.62
CA GLU A 116 24.02 -5.50 -4.57
C GLU A 116 24.36 -6.81 -5.26
N LYS A 117 25.58 -6.89 -5.78
CA LYS A 117 26.09 -8.08 -6.45
C LYS A 117 26.10 -9.24 -5.45
N GLU A 118 26.52 -8.95 -4.23
CA GLU A 118 26.63 -9.99 -3.21
C GLU A 118 25.26 -10.44 -2.72
N PHE A 119 24.31 -9.51 -2.65
CA PHE A 119 22.96 -9.88 -2.27
C PHE A 119 22.41 -10.93 -3.24
N TRP A 120 22.53 -10.68 -4.54
CA TRP A 120 21.96 -11.60 -5.50
C TRP A 120 22.72 -12.93 -5.56
N ARG A 121 24.01 -12.92 -5.19
CA ARG A 121 24.73 -14.19 -5.08
C ARG A 121 24.19 -14.98 -3.89
N LEU A 122 24.11 -14.36 -2.72
CA LEU A 122 23.78 -15.12 -1.52
C LEU A 122 22.34 -15.65 -1.55
N VAL A 123 21.41 -14.91 -2.14
CA VAL A 123 20.03 -15.41 -2.14
C VAL A 123 19.86 -16.59 -3.13
N SER A 124 20.74 -16.69 -4.12
CA SER A 124 20.62 -17.74 -5.14
C SER A 124 21.31 -19.04 -4.72
N THR A 125 22.15 -18.97 -3.69
CA THR A 125 22.99 -20.08 -3.27
C THR A 125 22.34 -20.91 -2.16
N ILE A 126 22.11 -22.19 -2.44
CA ILE A 126 21.54 -23.09 -1.45
C ILE A 126 22.45 -23.21 -0.23
N GLU A 127 23.75 -23.28 -0.48
CA GLU A 127 24.74 -23.46 0.59
C GLU A 127 24.70 -22.36 1.65
N GLU A 128 24.49 -21.11 1.22
CA GLU A 128 24.42 -20.00 2.15
C GLU A 128 23.10 -20.00 2.91
N ASP A 129 23.16 -19.82 4.23
CA ASP A 129 21.94 -19.65 5.02
C ASP A 129 22.05 -18.39 5.90
N VAL A 130 22.16 -17.25 5.24
CA VAL A 130 22.25 -15.98 5.92
C VAL A 130 20.87 -15.58 6.43
N THR A 131 20.79 -15.20 7.71
CA THR A 131 19.54 -14.65 8.24
C THR A 131 19.82 -13.27 8.80
N VAL A 132 18.85 -12.37 8.63
CA VAL A 132 19.04 -11.00 9.11
C VAL A 132 17.79 -10.61 9.87
N GLU A 133 17.85 -9.47 10.54
CA GLU A 133 16.73 -9.00 11.33
C GLU A 133 16.38 -7.59 10.92
N TYR A 134 15.16 -7.18 11.21
CA TYR A 134 14.72 -5.83 10.86
C TYR A 134 13.53 -5.42 11.71
N GLY A 135 13.19 -4.14 11.66
CA GLY A 135 12.00 -3.63 12.30
C GLY A 135 10.98 -3.19 11.28
N ALA A 136 9.71 -3.46 11.56
CA ALA A 136 8.61 -3.06 10.69
C ALA A 136 7.32 -2.93 11.50
N ASP A 137 6.80 -1.72 11.63
CA ASP A 137 5.59 -1.47 12.43
C ASP A 137 5.06 -0.06 12.22
N ILE A 138 3.81 0.19 12.62
CA ILE A 138 3.31 1.56 12.65
C ILE A 138 3.87 2.28 13.88
N ALA A 139 3.77 3.61 13.91
CA ALA A 139 4.28 4.38 15.06
C ALA A 139 3.54 4.02 16.33
N SER A 140 4.29 3.98 17.43
CA SER A 140 3.73 3.71 18.75
C SER A 140 4.43 4.56 19.80
N LYS A 141 3.98 4.45 21.05
CA LYS A 141 4.58 5.20 22.14
C LYS A 141 6.01 4.71 22.40
N GLU A 142 6.31 3.49 21.97
CA GLU A 142 7.66 2.93 22.16
C GLU A 142 8.60 3.34 21.03
N PHE A 143 8.03 3.75 19.90
CA PHE A 143 8.80 4.05 18.71
C PHE A 143 7.93 4.90 17.77
N GLY A 144 8.10 6.22 17.83
CA GLY A 144 7.23 7.11 17.08
C GLY A 144 7.72 7.44 15.68
N SER A 145 6.93 8.25 14.98
CA SER A 145 7.31 8.72 13.65
C SER A 145 8.67 9.44 13.62
N GLY A 146 9.33 9.37 12.47
CA GLY A 146 10.56 10.11 12.29
C GLY A 146 10.30 11.57 11.96
N PHE A 147 9.06 11.88 11.56
CA PHE A 147 8.68 13.26 11.32
C PHE A 147 8.08 13.87 12.59
N PRO A 148 8.11 15.20 12.73
CA PRO A 148 7.47 15.86 13.87
C PRO A 148 5.95 15.64 13.89
N VAL A 149 5.42 15.30 15.06
CA VAL A 149 3.98 15.19 15.25
C VAL A 149 3.57 15.99 16.50
N ARG A 150 2.35 16.50 16.51
CA ARG A 150 1.86 17.26 17.66
C ARG A 150 1.53 16.34 18.83
N ASP A 151 1.97 16.71 20.03
CA ASP A 151 1.49 16.09 21.26
C ASP A 151 1.86 16.96 22.46
N GLY A 152 0.96 17.04 23.43
CA GLY A 152 1.18 17.85 24.62
C GLY A 152 2.34 17.34 25.46
N LYS A 153 2.64 18.07 26.53
CA LYS A 153 3.72 17.73 27.47
C LYS A 153 5.12 17.88 26.87
N ILE A 154 5.22 17.95 25.54
CA ILE A 154 6.50 18.13 24.86
C ILE A 154 6.52 19.42 24.04
N LYS A 155 7.38 20.35 24.42
CA LYS A 155 7.56 21.57 23.64
C LYS A 155 8.45 21.29 22.43
N LEU A 156 7.93 21.60 21.25
CA LEU A 156 8.67 21.41 20.02
C LEU A 156 9.61 22.59 19.79
N SER A 157 10.71 22.35 19.09
CA SER A 157 11.60 23.40 18.66
C SER A 157 10.97 24.15 17.47
N PRO A 158 11.41 25.39 17.21
CA PRO A 158 10.96 26.11 16.01
C PRO A 158 11.19 25.30 14.72
N GLU A 159 12.33 24.60 14.63
CA GLU A 159 12.63 23.77 13.46
C GLU A 159 11.60 22.65 13.30
N GLU A 160 11.38 21.87 14.35
CA GLU A 160 10.35 20.84 14.36
C GLU A 160 8.97 21.40 14.00
N GLU A 161 8.63 22.55 14.59
CA GLU A 161 7.34 23.20 14.35
C GLU A 161 7.15 23.48 12.86
N GLU A 162 8.22 23.88 12.19
CA GLU A 162 8.19 24.19 10.76
C GLU A 162 7.71 23.02 9.89
N TYR A 163 7.99 21.79 10.30
CA TYR A 163 7.69 20.63 9.45
C TYR A 163 6.44 19.86 9.89
N LEU A 164 5.76 20.35 10.92
CA LEU A 164 4.53 19.71 11.40
C LEU A 164 3.44 19.67 10.33
N ASP A 165 3.37 20.72 9.53
CA ASP A 165 2.30 20.86 8.55
C ASP A 165 2.81 20.77 7.13
N SER A 166 4.01 20.22 6.96
CA SER A 166 4.56 20.03 5.64
C SER A 166 3.71 19.05 4.84
N GLY A 167 3.57 19.32 3.56
CA GLY A 167 2.89 18.40 2.67
C GLY A 167 3.63 17.08 2.49
N TRP A 168 4.94 17.07 2.78
CA TRP A 168 5.73 15.84 2.61
C TRP A 168 6.08 15.21 3.96
N ASN A 169 5.52 15.75 5.03
CA ASN A 169 5.48 15.05 6.30
C ASN A 169 4.47 13.91 6.12
N LEU A 170 4.93 12.67 6.19
CA LEU A 170 4.10 11.54 5.77
C LEU A 170 2.88 11.33 6.67
N ASN A 171 2.92 11.88 7.88
CA ASN A 171 1.76 11.82 8.75
C ASN A 171 0.61 12.64 8.19
N ASN A 172 0.95 13.68 7.44
CA ASN A 172 -0.05 14.57 6.86
C ASN A 172 -0.70 14.11 5.57
N MET A 173 0.08 13.45 4.72
CA MET A 173 -0.35 13.18 3.34
C MET A 173 -1.74 12.53 3.23
N PRO A 174 -2.04 11.56 4.11
CA PRO A 174 -3.36 10.93 3.90
C PRO A 174 -4.56 11.76 4.39
N VAL A 175 -4.33 12.86 5.11
CA VAL A 175 -5.45 13.65 5.63
C VAL A 175 -5.51 15.01 4.94
N MET A 176 -4.63 15.24 3.98
CA MET A 176 -4.69 16.43 3.16
C MET A 176 -5.91 16.40 2.23
N GLU A 177 -6.31 17.57 1.74
CA GLU A 177 -7.60 17.72 1.10
C GLU A 177 -7.70 16.98 -0.24
N GLN A 178 -6.60 16.85 -0.97
CA GLN A 178 -6.61 16.14 -2.25
C GLN A 178 -6.38 14.63 -2.13
N SER A 179 -6.25 14.13 -0.90
CA SER A 179 -6.26 12.70 -0.65
C SER A 179 -7.69 12.20 -0.56
N VAL A 180 -8.02 11.12 -1.26
CA VAL A 180 -9.41 10.69 -1.27
C VAL A 180 -9.76 9.90 -0.03
N LEU A 181 -8.77 9.63 0.82
CA LEU A 181 -9.03 9.01 2.12
C LEU A 181 -9.17 10.01 3.27
N ALA A 182 -9.06 11.30 2.98
CA ALA A 182 -9.05 12.34 4.01
C ALA A 182 -10.32 12.36 4.89
N HIS A 183 -11.49 12.26 4.27
CA HIS A 183 -12.74 12.32 5.03
C HIS A 183 -13.25 10.94 5.43
N ILE A 184 -12.40 9.93 5.25
CA ILE A 184 -12.77 8.57 5.62
C ILE A 184 -12.58 8.31 7.11
N THR A 185 -13.67 7.97 7.78
CA THR A 185 -13.65 7.73 9.22
C THR A 185 -13.61 6.23 9.53
N ALA A 186 -13.74 5.40 8.50
CA ALA A 186 -13.76 3.95 8.67
C ALA A 186 -12.47 3.42 9.30
N ASP A 187 -12.48 2.14 9.64
CA ASP A 187 -11.33 1.51 10.29
C ASP A 187 -10.36 0.95 9.25
N ILE A 188 -9.38 1.78 8.89
CA ILE A 188 -8.28 1.36 8.04
C ILE A 188 -6.99 1.97 8.56
N CYS A 189 -6.63 1.59 9.79
CA CYS A 189 -5.42 2.10 10.42
C CYS A 189 -4.19 1.83 9.52
N GLY A 190 -4.16 0.66 8.87
CA GLY A 190 -3.05 0.28 8.02
C GLY A 190 -2.72 1.26 6.90
N MET A 191 -3.71 1.96 6.37
CA MET A 191 -3.50 2.73 5.16
C MET A 191 -3.54 4.25 5.31
N LYS A 192 -3.76 4.73 6.52
CA LYS A 192 -3.68 6.16 6.74
C LYS A 192 -2.54 6.47 7.70
N LEU A 193 -1.91 5.42 8.21
CA LEU A 193 -0.81 5.59 9.17
C LEU A 193 0.49 5.17 8.50
N PRO A 194 1.56 5.97 8.69
CA PRO A 194 2.86 5.58 8.17
C PRO A 194 3.42 4.35 8.86
N TRP A 195 4.21 3.59 8.12
CA TRP A 195 4.92 2.46 8.66
C TRP A 195 6.38 2.84 8.83
N LEU A 196 7.01 2.29 9.85
CA LEU A 196 8.41 2.55 10.18
C LEU A 196 9.26 1.31 9.94
N TYR A 197 10.36 1.46 9.21
CA TYR A 197 11.22 0.32 8.87
C TYR A 197 12.66 0.55 9.28
N VAL A 198 13.16 -0.27 10.19
CA VAL A 198 14.55 -0.25 10.59
C VAL A 198 15.33 -1.36 9.86
N GLY A 199 16.27 -0.96 9.00
CA GLY A 199 16.94 -1.93 8.15
C GLY A 199 18.36 -2.23 8.59
N MET A 200 18.89 -3.36 8.10
CA MET A 200 20.30 -3.66 8.21
C MET A 200 20.76 -4.25 6.87
N CYS A 201 22.07 -4.43 6.69
CA CYS A 201 22.62 -4.97 5.45
C CYS A 201 21.89 -6.26 5.03
N PHE A 202 21.36 -6.25 3.80
CA PHE A 202 20.64 -7.37 3.17
C PHE A 202 19.21 -7.59 3.65
N SER A 203 18.74 -6.88 4.68
CA SER A 203 17.34 -7.05 5.09
C SER A 203 16.54 -6.58 3.89
N SER A 204 15.47 -7.29 3.56
N SER A 204 15.46 -7.30 3.58
CA SER A 204 14.89 -7.06 2.25
CA SER A 204 14.89 -7.22 2.24
C SER A 204 13.38 -7.11 2.26
C SER A 204 13.37 -7.17 2.23
N PHE A 205 12.79 -6.49 1.25
CA PHE A 205 11.35 -6.54 1.09
C PHE A 205 11.06 -7.22 -0.24
N CYS A 206 10.25 -8.28 -0.17
CA CYS A 206 9.92 -9.10 -1.34
C CYS A 206 9.06 -8.35 -2.31
N TRP A 207 8.96 -8.89 -3.53
CA TRP A 207 8.11 -8.33 -4.58
C TRP A 207 6.64 -8.24 -4.15
N HIS A 208 6.05 -7.06 -4.36
CA HIS A 208 4.67 -6.83 -3.97
C HIS A 208 4.14 -5.57 -4.62
N ILE A 209 2.82 -5.41 -4.59
CA ILE A 209 2.20 -4.12 -4.89
C ILE A 209 1.44 -3.69 -3.62
N GLU A 210 0.98 -2.46 -3.58
CA GLU A 210 0.31 -1.95 -2.39
C GLU A 210 -1.14 -2.42 -2.34
N ASP A 211 -1.67 -2.52 -1.12
CA ASP A 211 -3.08 -2.78 -0.89
C ASP A 211 -3.92 -1.82 -1.73
N HIS A 212 -4.93 -2.39 -2.40
CA HIS A 212 -5.85 -1.65 -3.27
C HIS A 212 -5.16 -0.90 -4.41
N TRP A 213 -3.96 -1.35 -4.80
CA TRP A 213 -3.14 -0.68 -5.82
C TRP A 213 -2.85 0.81 -5.54
N SER A 214 -2.73 1.17 -4.28
CA SER A 214 -2.45 2.56 -3.97
C SER A 214 -1.01 2.94 -4.36
N TYR A 215 -0.74 4.23 -4.40
CA TYR A 215 0.65 4.72 -4.37
C TYR A 215 1.30 4.36 -3.03
N SER A 216 2.63 4.38 -2.96
CA SER A 216 3.30 4.53 -1.68
C SER A 216 4.34 5.67 -1.80
N ILE A 217 4.53 6.39 -0.71
CA ILE A 217 5.56 7.42 -0.60
C ILE A 217 6.50 6.92 0.47
N ASN A 218 7.79 6.95 0.18
CA ASN A 218 8.75 6.36 1.07
C ASN A 218 9.88 7.35 1.33
N TYR A 219 10.20 7.60 2.60
CA TYR A 219 11.27 8.54 2.93
C TYR A 219 12.34 7.86 3.74
N LEU A 220 13.60 8.04 3.33
CA LEU A 220 14.72 7.50 4.10
C LEU A 220 15.26 8.58 5.03
N HIS A 221 14.97 8.47 6.33
CA HIS A 221 15.30 9.50 7.31
C HIS A 221 16.80 9.62 7.53
N TRP A 222 17.43 8.48 7.81
N TRP A 222 17.43 8.46 7.63
CA TRP A 222 18.89 8.44 8.00
CA TRP A 222 18.82 8.37 8.03
C TRP A 222 19.47 7.05 7.77
C TRP A 222 19.44 7.05 7.57
N GLY A 223 20.77 7.02 7.46
CA GLY A 223 21.51 5.78 7.31
C GLY A 223 21.97 5.44 5.92
N GLU A 224 22.42 4.20 5.77
CA GLU A 224 22.91 3.71 4.49
C GLU A 224 21.74 3.52 3.54
N PRO A 225 22.01 3.55 2.23
CA PRO A 225 20.92 3.55 1.25
C PRO A 225 20.02 2.32 1.28
N LYS A 226 18.83 2.51 0.72
CA LYS A 226 17.89 1.44 0.44
C LYS A 226 17.87 1.25 -1.07
N THR A 227 18.16 0.03 -1.53
CA THR A 227 18.17 -0.27 -2.97
C THR A 227 16.80 -0.81 -3.43
N TRP A 228 16.25 -0.21 -4.49
CA TRP A 228 14.91 -0.55 -5.00
C TRP A 228 14.96 -1.14 -6.38
N TYR A 229 14.03 -2.06 -6.68
CA TYR A 229 13.72 -2.47 -8.06
C TYR A 229 12.23 -2.24 -8.28
N GLY A 230 11.88 -1.72 -9.44
CA GLY A 230 10.50 -1.40 -9.73
C GLY A 230 10.08 -1.80 -11.12
N VAL A 231 8.80 -2.12 -11.26
CA VAL A 231 8.22 -2.57 -12.52
C VAL A 231 6.98 -1.70 -12.77
N PRO A 232 6.82 -1.15 -13.98
CA PRO A 232 5.64 -0.31 -14.24
C PRO A 232 4.33 -1.08 -14.13
N GLY A 233 3.27 -0.35 -13.75
CA GLY A 233 1.96 -0.95 -13.60
C GLY A 233 1.48 -1.77 -14.79
N TYR A 234 1.82 -1.36 -16.00
CA TYR A 234 1.29 -2.03 -17.19
C TYR A 234 1.84 -3.44 -17.35
N ALA A 235 2.88 -3.78 -16.58
CA ALA A 235 3.52 -5.08 -16.74
C ALA A 235 3.24 -5.97 -15.53
N ALA A 236 2.30 -5.57 -14.68
CA ALA A 236 2.02 -6.34 -13.47
C ALA A 236 1.65 -7.80 -13.79
N GLU A 237 0.79 -7.97 -14.79
CA GLU A 237 0.32 -9.32 -15.10
C GLU A 237 1.44 -10.18 -15.73
N GLN A 238 2.34 -9.57 -16.48
N GLN A 238 2.32 -9.55 -16.50
CA GLN A 238 3.45 -10.33 -17.02
CA GLN A 238 3.49 -10.24 -17.02
C GLN A 238 4.40 -10.78 -15.89
C GLN A 238 4.31 -10.80 -15.86
N LEU A 239 4.63 -9.92 -14.90
CA LEU A 239 5.43 -10.32 -13.75
C LEU A 239 4.78 -11.47 -12.99
N GLU A 240 3.47 -11.40 -12.82
CA GLU A 240 2.76 -12.43 -12.07
C GLU A 240 2.81 -13.76 -12.83
N ASN A 241 2.70 -13.72 -14.16
CA ASN A 241 2.84 -14.94 -14.95
C ASN A 241 4.21 -15.57 -14.81
N VAL A 242 5.25 -14.75 -14.75
CA VAL A 242 6.61 -15.26 -14.49
C VAL A 242 6.68 -15.93 -13.12
N MET A 243 6.14 -15.27 -12.10
CA MET A 243 6.11 -15.82 -10.76
C MET A 243 5.37 -17.15 -10.70
N LYS A 244 4.26 -17.23 -11.41
CA LYS A 244 3.48 -18.47 -11.46
C LYS A 244 4.29 -19.60 -12.05
N LYS A 245 5.05 -19.32 -13.10
CA LYS A 245 5.84 -20.35 -13.76
C LYS A 245 7.01 -20.81 -12.88
N LEU A 246 7.67 -19.87 -12.21
CA LEU A 246 8.91 -20.18 -11.48
C LEU A 246 8.73 -20.48 -10.00
N ALA A 247 7.60 -20.09 -9.44
CA ALA A 247 7.34 -20.32 -8.02
C ALA A 247 5.86 -20.56 -7.76
N PRO A 248 5.31 -21.64 -8.33
CA PRO A 248 3.86 -21.89 -8.27
C PRO A 248 3.36 -22.10 -6.84
N GLU A 249 4.27 -22.50 -5.95
CA GLU A 249 3.92 -22.69 -4.54
C GLU A 249 3.36 -21.43 -3.88
N LEU A 250 3.68 -20.26 -4.45
CA LEU A 250 3.21 -18.99 -3.90
C LEU A 250 1.74 -18.71 -4.19
N PHE A 251 1.11 -19.57 -4.99
CA PHE A 251 -0.21 -19.27 -5.53
C PHE A 251 -1.30 -20.23 -5.06
N VAL A 252 -1.10 -20.81 -3.87
CA VAL A 252 -2.16 -21.57 -3.22
C VAL A 252 -3.04 -20.59 -2.46
N SER A 253 -4.30 -20.96 -2.21
CA SER A 253 -5.25 -20.05 -1.58
C SER A 253 -4.86 -19.72 -0.14
N GLN A 254 -4.80 -18.43 0.16
CA GLN A 254 -4.43 -17.96 1.49
C GLN A 254 -5.63 -17.93 2.41
N PRO A 255 -5.44 -18.32 3.69
CA PRO A 255 -6.55 -18.34 4.66
C PRO A 255 -7.07 -16.94 4.96
N ASP A 256 -6.17 -15.97 5.09
CA ASP A 256 -6.56 -14.60 5.44
C ASP A 256 -5.83 -13.54 4.60
N LEU A 257 -6.23 -12.28 4.81
CA LEU A 257 -5.59 -11.13 4.17
C LEU A 257 -4.13 -11.02 4.61
N LEU A 258 -3.91 -11.35 5.87
CA LEU A 258 -2.59 -11.29 6.48
C LEU A 258 -1.70 -12.46 6.05
N HIS A 259 -2.20 -13.31 5.17
CA HIS A 259 -1.52 -14.57 4.89
C HIS A 259 -1.17 -14.79 3.41
N GLN A 260 -1.04 -13.73 2.62
CA GLN A 260 -0.64 -13.91 1.23
C GLN A 260 0.89 -14.01 1.12
N LEU A 261 1.38 -14.77 0.14
CA LEU A 261 2.80 -15.09 0.08
C LEU A 261 3.57 -14.21 -0.90
N VAL A 262 4.80 -13.89 -0.54
CA VAL A 262 5.64 -13.06 -1.40
C VAL A 262 7.04 -13.65 -1.43
N THR A 263 7.86 -13.23 -2.37
CA THR A 263 9.20 -13.81 -2.46
C THR A 263 10.26 -12.89 -3.05
N ILE A 264 11.51 -13.23 -2.77
CA ILE A 264 12.68 -12.65 -3.40
C ILE A 264 12.87 -13.24 -4.80
N MET A 265 13.03 -12.39 -5.80
CA MET A 265 13.37 -12.87 -7.14
C MET A 265 14.29 -11.91 -7.87
N ASN A 266 15.38 -12.47 -8.41
CA ASN A 266 16.37 -11.70 -9.16
C ASN A 266 15.72 -10.92 -10.28
N PRO A 267 15.95 -9.61 -10.33
CA PRO A 267 15.34 -8.84 -11.43
C PRO A 267 15.82 -9.29 -12.82
N ASN A 268 17.01 -9.87 -12.93
CA ASN A 268 17.50 -10.31 -14.25
C ASN A 268 16.62 -11.42 -14.80
N THR A 269 16.06 -12.22 -13.89
CA THR A 269 15.14 -13.27 -14.28
C THR A 269 13.88 -12.68 -14.90
N LEU A 270 13.38 -11.60 -14.30
CA LEU A 270 12.21 -10.93 -14.84
C LEU A 270 12.51 -10.29 -16.19
N MET A 271 13.63 -9.59 -16.24
CA MET A 271 14.07 -8.93 -17.47
C MET A 271 14.27 -9.95 -18.62
N THR A 272 14.72 -11.15 -18.28
CA THR A 272 14.87 -12.23 -19.25
C THR A 272 13.52 -12.66 -19.81
N HIS A 273 12.47 -12.53 -19.00
CA HIS A 273 11.13 -12.88 -19.47
C HIS A 273 10.35 -11.65 -19.91
N GLU A 274 11.05 -10.63 -20.38
CA GLU A 274 10.45 -9.43 -20.97
C GLU A 274 9.66 -8.53 -19.99
N VAL A 275 9.96 -8.62 -18.71
CA VAL A 275 9.40 -7.67 -17.75
C VAL A 275 10.37 -6.51 -17.60
N PRO A 276 9.92 -5.28 -17.91
CA PRO A 276 10.79 -4.11 -17.66
C PRO A 276 11.02 -3.85 -16.18
N VAL A 277 12.28 -3.70 -15.79
CA VAL A 277 12.65 -3.45 -14.39
C VAL A 277 13.57 -2.24 -14.31
N TYR A 278 13.33 -1.37 -13.33
CA TYR A 278 14.22 -0.23 -13.04
C TYR A 278 14.77 -0.29 -11.62
N ARG A 279 15.89 0.36 -11.39
CA ARG A 279 16.50 0.31 -10.06
C ARG A 279 16.78 1.71 -9.56
N THR A 280 17.05 1.81 -8.25
CA THR A 280 17.65 3.01 -7.72
C THR A 280 18.23 2.73 -6.35
N ASN A 281 19.24 3.51 -5.97
CA ASN A 281 19.67 3.58 -4.58
C ASN A 281 19.08 4.83 -3.94
N GLN A 282 18.21 4.64 -2.95
CA GLN A 282 17.62 5.75 -2.21
C GLN A 282 18.53 6.12 -1.07
N CYS A 283 19.11 7.32 -1.11
CA CYS A 283 19.96 7.82 -0.03
C CYS A 283 19.16 8.58 1.03
N ALA A 284 19.76 8.74 2.20
CA ALA A 284 19.14 9.47 3.30
C ALA A 284 18.67 10.84 2.80
N GLY A 285 17.45 11.21 3.14
CA GLY A 285 16.92 12.49 2.70
C GLY A 285 16.22 12.47 1.36
N GLU A 286 16.08 11.30 0.74
CA GLU A 286 15.39 11.21 -0.55
C GLU A 286 14.09 10.44 -0.42
N PHE A 287 13.14 10.76 -1.29
CA PHE A 287 11.87 10.04 -1.38
C PHE A 287 11.90 9.06 -2.55
N VAL A 288 11.26 7.91 -2.35
CA VAL A 288 10.88 7.06 -3.47
C VAL A 288 9.34 7.00 -3.55
N ILE A 289 8.81 7.10 -4.75
CA ILE A 289 7.37 6.99 -4.96
C ILE A 289 7.09 5.77 -5.82
N THR A 290 6.22 4.87 -5.35
CA THR A 290 5.73 3.77 -6.20
C THR A 290 4.32 4.07 -6.67
N PHE A 291 4.06 3.75 -7.93
CA PHE A 291 2.80 4.08 -8.60
C PHE A 291 1.81 2.91 -8.53
N PRO A 292 0.53 3.16 -8.85
CA PRO A 292 -0.47 2.09 -8.72
C PRO A 292 -0.15 0.82 -9.52
N ARG A 293 -0.21 -0.31 -8.81
CA ARG A 293 0.07 -1.65 -9.33
C ARG A 293 1.49 -1.80 -9.87
N ALA A 294 2.39 -0.94 -9.43
CA ALA A 294 3.80 -1.07 -9.76
C ALA A 294 4.49 -2.00 -8.78
N TYR A 295 4.90 -3.19 -9.24
CA TYR A 295 5.61 -4.13 -8.38
C TYR A 295 6.97 -3.57 -7.99
N HIS A 296 7.39 -3.83 -6.76
CA HIS A 296 8.71 -3.39 -6.33
C HIS A 296 9.24 -4.30 -5.25
N SER A 297 10.56 -4.28 -5.09
CA SER A 297 11.25 -5.08 -4.09
C SER A 297 12.57 -4.40 -3.80
N GLY A 298 13.29 -4.83 -2.78
CA GLY A 298 14.60 -4.26 -2.57
C GLY A 298 15.28 -4.77 -1.33
N PHE A 299 16.39 -4.15 -0.97
CA PHE A 299 17.11 -4.56 0.22
C PHE A 299 17.88 -3.36 0.75
N ASN A 300 18.26 -3.42 2.01
CA ASN A 300 19.00 -2.31 2.58
C ASN A 300 20.51 -2.55 2.52
N GLN A 301 21.25 -1.49 2.24
CA GLN A 301 22.71 -1.53 2.18
C GLN A 301 23.37 -1.63 3.55
N GLY A 302 22.62 -1.28 4.59
CA GLY A 302 23.14 -1.30 5.94
C GLY A 302 22.13 -0.70 6.89
N PHE A 303 22.58 -0.38 8.11
CA PHE A 303 21.73 0.17 9.18
C PHE A 303 21.03 1.44 8.71
N ASN A 304 19.69 1.45 8.73
CA ASN A 304 18.98 2.66 8.30
C ASN A 304 17.55 2.73 8.85
N PHE A 305 16.86 3.83 8.56
CA PHE A 305 15.53 4.09 9.12
C PHE A 305 14.66 4.80 8.10
N ALA A 306 13.56 4.16 7.73
CA ALA A 306 12.73 4.64 6.65
C ALA A 306 11.28 4.72 7.15
N GLU A 307 10.50 5.52 6.46
CA GLU A 307 9.10 5.72 6.80
C GLU A 307 8.33 5.77 5.51
N ALA A 308 7.17 5.11 5.50
CA ALA A 308 6.38 4.92 4.27
C ALA A 308 4.90 5.05 4.56
N VAL A 309 4.14 5.50 3.58
CA VAL A 309 2.70 5.58 3.77
C VAL A 309 1.99 5.29 2.45
N ASN A 310 0.84 4.62 2.52
CA ASN A 310 -0.02 4.50 1.33
C ASN A 310 -0.59 5.85 1.00
N PHE A 311 -0.99 6.01 -0.25
CA PHE A 311 -1.31 7.32 -0.78
C PHE A 311 -2.32 7.16 -1.91
N CYS A 312 -3.50 7.78 -1.76
CA CYS A 312 -4.57 7.65 -2.74
C CYS A 312 -5.02 9.00 -3.29
N THR A 313 -4.85 9.19 -4.59
CA THR A 313 -5.16 10.45 -5.26
C THR A 313 -6.35 10.26 -6.18
N VAL A 314 -6.83 11.34 -6.80
CA VAL A 314 -7.93 11.25 -7.74
C VAL A 314 -7.57 10.39 -8.96
N ASP A 315 -6.31 10.44 -9.37
CA ASP A 315 -5.80 9.58 -10.46
C ASP A 315 -5.97 8.10 -10.13
N TRP A 316 -5.83 7.77 -8.85
CA TRP A 316 -5.90 6.39 -8.40
C TRP A 316 -7.33 5.83 -8.37
N LEU A 317 -8.32 6.71 -8.17
CA LEU A 317 -9.71 6.26 -7.96
C LEU A 317 -10.22 5.16 -8.91
N PRO A 318 -10.10 5.36 -10.25
CA PRO A 318 -10.60 4.28 -11.12
C PRO A 318 -9.82 2.99 -10.97
N LEU A 319 -8.52 3.08 -10.67
CA LEU A 319 -7.71 1.87 -10.47
C LEU A 319 -8.10 1.14 -9.19
N GLY A 320 -8.50 1.90 -8.18
CA GLY A 320 -8.98 1.32 -6.95
C GLY A 320 -10.21 0.45 -7.20
N ARG A 321 -11.12 0.93 -8.04
CA ARG A 321 -12.31 0.14 -8.38
C ARG A 321 -11.90 -1.14 -9.15
N GLN A 322 -10.99 -0.99 -10.10
N GLN A 322 -10.99 -1.02 -10.11
CA GLN A 322 -10.49 -2.13 -10.86
CA GLN A 322 -10.52 -2.19 -10.85
C GLN A 322 -9.81 -3.16 -9.95
C GLN A 322 -9.86 -3.19 -9.89
N CYS A 323 -9.09 -2.68 -8.94
CA CYS A 323 -8.42 -3.56 -7.98
C CYS A 323 -9.37 -4.45 -7.18
N VAL A 324 -10.44 -3.85 -6.65
N VAL A 324 -10.45 -3.87 -6.66
CA VAL A 324 -11.42 -4.60 -5.86
CA VAL A 324 -11.36 -4.67 -5.83
C VAL A 324 -12.09 -5.67 -6.72
C VAL A 324 -12.18 -5.63 -6.70
N GLU A 325 -12.33 -5.32 -7.98
CA GLU A 325 -12.87 -6.28 -8.94
C GLU A 325 -11.88 -7.45 -9.11
N HIS A 326 -10.61 -7.10 -9.29
CA HIS A 326 -9.57 -8.11 -9.39
C HIS A 326 -9.50 -8.95 -8.11
N TYR A 327 -9.63 -8.33 -6.93
CA TYR A 327 -9.63 -9.08 -5.67
C TYR A 327 -10.77 -10.10 -5.63
N ARG A 328 -11.90 -9.70 -6.19
CA ARG A 328 -13.09 -10.54 -6.18
C ARG A 328 -12.84 -11.79 -7.04
N LEU A 329 -12.29 -11.59 -8.23
CA LEU A 329 -11.97 -12.72 -9.09
C LEU A 329 -10.97 -13.68 -8.45
N LEU A 330 -10.09 -13.16 -7.60
CA LEU A 330 -9.09 -13.98 -6.91
C LEU A 330 -9.55 -14.51 -5.56
N HIS A 331 -10.72 -14.05 -5.11
CA HIS A 331 -11.21 -14.35 -3.75
C HIS A 331 -10.24 -13.84 -2.68
N ARG A 332 -9.69 -12.66 -2.91
CA ARG A 332 -8.76 -12.04 -1.97
C ARG A 332 -9.48 -11.04 -1.05
N TYR A 333 -9.14 -11.01 0.23
CA TYR A 333 -9.75 -10.05 1.16
C TYR A 333 -9.40 -8.62 0.80
N CYS A 334 -10.33 -7.68 1.05
CA CYS A 334 -10.06 -6.25 0.89
C CYS A 334 -9.61 -5.66 2.20
N VAL A 335 -8.97 -4.51 2.12
CA VAL A 335 -8.63 -3.76 3.34
C VAL A 335 -9.83 -2.91 3.75
N PHE A 336 -10.48 -2.31 2.76
CA PHE A 336 -11.69 -1.54 3.03
C PHE A 336 -12.66 -1.68 1.88
N SER A 337 -13.85 -1.14 2.06
CA SER A 337 -14.83 -1.11 0.99
C SER A 337 -14.64 0.14 0.14
N HIS A 338 -14.34 -0.05 -1.15
CA HIS A 338 -14.19 1.07 -2.08
C HIS A 338 -15.51 1.88 -2.19
N ASP A 339 -16.62 1.18 -2.32
CA ASP A 339 -17.93 1.82 -2.44
C ASP A 339 -18.30 2.61 -1.17
N GLU A 340 -17.91 2.09 0.00
CA GLU A 340 -18.14 2.81 1.23
C GLU A 340 -17.36 4.12 1.25
N MET A 341 -16.12 4.08 0.79
CA MET A 341 -15.31 5.28 0.70
C MET A 341 -15.98 6.30 -0.21
N ILE A 342 -16.43 5.86 -1.39
CA ILE A 342 -17.10 6.74 -2.35
C ILE A 342 -18.37 7.38 -1.74
N CYS A 343 -19.21 6.58 -1.08
CA CYS A 343 -20.45 7.09 -0.52
C CYS A 343 -20.19 8.03 0.66
N LYS A 344 -19.18 7.74 1.45
CA LYS A 344 -18.77 8.65 2.52
C LYS A 344 -18.39 10.02 1.94
N MET A 345 -17.59 10.03 0.88
CA MET A 345 -17.20 11.30 0.28
C MET A 345 -18.43 12.02 -0.29
N ALA A 346 -19.33 11.28 -0.92
CA ALA A 346 -20.57 11.88 -1.44
C ALA A 346 -21.38 12.49 -0.29
N SER A 347 -21.37 11.84 0.87
CA SER A 347 -22.13 12.37 2.00
C SER A 347 -21.49 13.62 2.56
N LYS A 348 -20.26 13.92 2.13
CA LYS A 348 -19.56 15.11 2.58
C LYS A 348 -19.25 16.03 1.41
N ALA A 349 -20.09 15.99 0.38
CA ALA A 349 -19.82 16.72 -0.86
C ALA A 349 -19.59 18.21 -0.63
N ASP A 350 -20.29 18.78 0.37
CA ASP A 350 -20.21 20.22 0.59
C ASP A 350 -18.86 20.70 1.11
N VAL A 351 -18.03 19.79 1.64
CA VAL A 351 -16.71 20.20 2.13
C VAL A 351 -15.55 19.56 1.37
N LEU A 352 -15.87 18.84 0.29
CA LEU A 352 -14.85 18.21 -0.53
C LEU A 352 -14.13 19.21 -1.40
N ASP A 353 -12.85 18.96 -1.62
CA ASP A 353 -12.10 19.62 -2.68
C ASP A 353 -12.83 19.43 -4.00
N VAL A 354 -12.84 20.44 -4.86
CA VAL A 354 -13.72 20.38 -6.03
C VAL A 354 -13.20 19.47 -7.12
N VAL A 355 -11.89 19.29 -7.23
CA VAL A 355 -11.34 18.34 -8.17
C VAL A 355 -11.64 16.93 -7.66
N VAL A 356 -11.50 16.73 -6.35
CA VAL A 356 -11.89 15.46 -5.76
C VAL A 356 -13.36 15.18 -6.07
N ALA A 357 -14.23 16.18 -5.85
CA ALA A 357 -15.67 15.99 -6.08
C ALA A 357 -15.92 15.54 -7.51
N SER A 358 -15.23 16.15 -8.46
CA SER A 358 -15.44 15.86 -9.86
C SER A 358 -15.08 14.42 -10.19
N THR A 359 -13.96 13.95 -9.68
CA THR A 359 -13.52 12.58 -9.92
C THR A 359 -14.40 11.54 -9.20
N VAL A 360 -14.79 11.85 -7.97
CA VAL A 360 -15.65 10.97 -7.22
C VAL A 360 -17.00 10.85 -7.90
N GLN A 361 -17.49 11.98 -8.41
CA GLN A 361 -18.76 11.98 -9.15
C GLN A 361 -18.71 10.95 -10.29
N LYS A 362 -17.58 10.91 -11.01
CA LYS A 362 -17.46 10.01 -12.14
C LYS A 362 -17.43 8.54 -11.70
N ASP A 363 -16.71 8.25 -10.62
CA ASP A 363 -16.66 6.88 -10.12
C ASP A 363 -18.04 6.48 -9.59
N MET A 364 -18.71 7.41 -8.95
CA MET A 364 -20.04 7.12 -8.42
C MET A 364 -21.03 6.77 -9.53
N ALA A 365 -20.91 7.43 -10.67
CA ALA A 365 -21.81 7.14 -11.80
C ALA A 365 -21.60 5.71 -12.30
N ILE A 366 -20.35 5.26 -12.33
CA ILE A 366 -20.05 3.89 -12.70
C ILE A 366 -20.60 2.94 -11.64
N MET A 367 -20.44 3.31 -10.37
CA MET A 367 -20.91 2.47 -9.28
C MET A 367 -22.42 2.30 -9.37
N ILE A 368 -23.15 3.38 -9.61
CA ILE A 368 -24.61 3.28 -9.60
C ILE A 368 -25.12 2.45 -10.78
N GLU A 369 -24.56 2.65 -11.98
CA GLU A 369 -24.99 1.82 -13.10
C GLU A 369 -24.65 0.34 -12.90
N ASP A 370 -23.50 0.02 -12.31
CA ASP A 370 -23.18 -1.37 -12.03
C ASP A 370 -24.15 -1.95 -11.00
N GLU A 371 -24.48 -1.15 -9.99
CA GLU A 371 -25.35 -1.61 -8.91
C GLU A 371 -26.76 -1.84 -9.44
N LYS A 372 -27.20 -0.94 -10.29
CA LYS A 372 -28.53 -1.04 -10.89
C LYS A 372 -28.66 -2.34 -11.70
N ALA A 373 -27.65 -2.67 -12.51
CA ALA A 373 -27.67 -3.91 -13.28
C ALA A 373 -27.63 -5.12 -12.38
N LEU A 374 -26.83 -5.08 -11.33
CA LEU A 374 -26.72 -6.24 -10.43
C LEU A 374 -28.04 -6.48 -9.71
N ARG A 375 -28.71 -5.40 -9.31
CA ARG A 375 -29.98 -5.56 -8.60
C ARG A 375 -31.07 -6.10 -9.54
N GLU A 376 -31.04 -5.69 -10.80
CA GLU A 376 -31.99 -6.22 -11.76
C GLU A 376 -31.76 -7.72 -11.95
N THR A 377 -30.50 -8.11 -12.00
CA THR A 377 -30.16 -9.51 -12.16
C THR A 377 -30.63 -10.37 -10.98
N VAL A 378 -30.42 -9.92 -9.75
N VAL A 378 -30.39 -9.88 -9.77
CA VAL A 378 -30.85 -10.73 -8.60
CA VAL A 378 -30.81 -10.56 -8.55
C VAL A 378 -32.38 -10.71 -8.43
C VAL A 378 -32.34 -10.72 -8.49
N ARG A 379 -33.05 -9.66 -8.87
CA ARG A 379 -34.52 -9.67 -8.89
C ARG A 379 -35.02 -10.76 -9.86
N LYS A 380 -34.34 -10.90 -10.99
CA LYS A 380 -34.72 -11.92 -11.98
C LYS A 380 -34.39 -13.33 -11.51
N LEU A 381 -33.52 -13.46 -10.50
CA LEU A 381 -33.26 -14.76 -9.91
C LEU A 381 -34.30 -15.14 -8.86
N GLY A 382 -35.23 -14.23 -8.60
CA GLY A 382 -36.33 -14.53 -7.70
C GLY A 382 -36.18 -14.00 -6.28
N VAL A 383 -35.19 -13.14 -6.04
CA VAL A 383 -35.05 -12.49 -4.74
C VAL A 383 -36.01 -11.29 -4.76
N ILE A 384 -37.00 -11.32 -3.88
CA ILE A 384 -38.03 -10.28 -3.91
C ILE A 384 -38.01 -9.41 -2.66
N ASP A 385 -37.88 -10.04 -1.51
CA ASP A 385 -37.84 -9.32 -0.26
C ASP A 385 -36.55 -8.50 -0.13
N SER A 386 -36.62 -7.39 0.58
CA SER A 386 -35.45 -6.55 0.77
C SER A 386 -35.58 -5.73 2.05
N GLU A 387 -34.44 -5.28 2.57
CA GLU A 387 -34.43 -4.40 3.74
C GLU A 387 -33.16 -3.61 3.75
N ARG A 388 -33.25 -2.33 4.12
CA ARG A 388 -32.06 -1.50 4.27
C ARG A 388 -31.13 -2.12 5.33
N MET A 389 -29.83 -2.04 5.09
CA MET A 389 -28.90 -2.53 6.09
C MET A 389 -27.69 -1.62 6.17
N ASP A 390 -27.37 -1.19 7.39
CA ASP A 390 -26.21 -0.33 7.63
C ASP A 390 -24.92 -1.12 7.73
N PHE A 391 -24.42 -1.53 6.57
CA PHE A 391 -23.22 -2.37 6.51
C PHE A 391 -22.04 -1.77 7.26
N GLU A 392 -21.93 -0.44 7.27
CA GLU A 392 -20.74 0.17 7.87
C GLU A 392 -20.66 -0.10 9.37
N LEU A 393 -21.77 -0.54 9.98
CA LEU A 393 -21.77 -0.83 11.42
C LEU A 393 -21.18 -2.21 11.74
N LEU A 394 -21.16 -3.09 10.76
CA LEU A 394 -20.63 -4.44 10.99
C LEU A 394 -19.12 -4.45 11.04
N PRO A 395 -18.56 -5.24 11.97
CA PRO A 395 -17.12 -5.50 11.89
C PRO A 395 -16.77 -6.03 10.50
N ASP A 396 -15.60 -5.70 9.97
CA ASP A 396 -15.28 -6.08 8.58
C ASP A 396 -15.34 -7.59 8.37
N ASP A 397 -14.87 -8.36 9.34
CA ASP A 397 -14.87 -9.82 9.17
C ASP A 397 -16.28 -10.38 9.30
N GLU A 398 -17.27 -9.52 9.50
CA GLU A 398 -18.66 -9.97 9.54
C GLU A 398 -19.46 -9.52 8.30
N ARG A 399 -18.79 -8.94 7.31
CA ARG A 399 -19.52 -8.63 6.10
C ARG A 399 -18.79 -8.98 4.82
N GLN A 400 -18.04 -10.07 4.83
CA GLN A 400 -17.46 -10.60 3.60
C GLN A 400 -18.35 -11.61 2.90
N CYS A 401 -18.38 -11.55 1.58
CA CYS A 401 -19.06 -12.53 0.76
C CYS A 401 -18.45 -13.91 1.05
N VAL A 402 -19.26 -14.90 1.44
CA VAL A 402 -18.70 -16.21 1.80
C VAL A 402 -17.93 -16.84 0.64
N LYS A 403 -18.31 -16.50 -0.59
CA LYS A 403 -17.63 -17.01 -1.77
C LYS A 403 -16.35 -16.23 -2.12
N CYS A 404 -16.46 -14.92 -2.36
CA CYS A 404 -15.31 -14.24 -2.96
C CYS A 404 -14.59 -13.32 -1.97
N LYS A 405 -15.08 -13.28 -0.74
CA LYS A 405 -14.46 -12.56 0.38
C LYS A 405 -14.49 -11.03 0.24
N THR A 406 -15.19 -10.51 -0.76
CA THR A 406 -15.25 -9.06 -0.91
C THR A 406 -16.00 -8.44 0.27
N THR A 407 -15.67 -7.20 0.61
CA THR A 407 -16.31 -6.52 1.73
C THR A 407 -17.58 -5.90 1.20
N CYS A 408 -18.73 -6.35 1.71
CA CYS A 408 -19.99 -5.82 1.21
C CYS A 408 -20.28 -4.42 1.76
N PHE A 409 -20.96 -3.60 0.97
CA PHE A 409 -21.42 -2.31 1.46
C PHE A 409 -22.67 -1.85 0.69
N MET A 410 -22.62 -1.84 -0.64
CA MET A 410 -23.78 -1.36 -1.38
C MET A 410 -24.98 -2.31 -1.19
N SER A 411 -24.71 -3.60 -1.23
CA SER A 411 -25.74 -4.62 -1.08
C SER A 411 -25.18 -6.01 -0.88
N ALA A 412 -26.03 -6.90 -0.40
CA ALA A 412 -25.67 -8.29 -0.20
C ALA A 412 -26.95 -9.10 -0.12
N ILE A 413 -26.82 -10.42 -0.21
CA ILE A 413 -27.95 -11.33 -0.02
C ILE A 413 -27.77 -12.10 1.27
N SER A 414 -28.85 -12.22 2.05
CA SER A 414 -28.85 -13.05 3.25
C SER A 414 -29.97 -14.09 3.17
N CYS A 415 -29.89 -15.11 4.01
CA CYS A 415 -30.97 -16.08 4.17
C CYS A 415 -31.05 -16.50 5.62
N SER A 416 -32.27 -16.56 6.18
CA SER A 416 -32.42 -16.89 7.60
C SER A 416 -31.98 -18.32 7.91
N CYS A 417 -31.88 -19.14 6.87
CA CYS A 417 -31.21 -20.45 6.97
C CYS A 417 -29.77 -20.38 7.46
N LYS A 418 -29.00 -19.40 6.98
CA LYS A 418 -27.62 -19.22 7.37
C LYS A 418 -27.42 -17.90 8.09
N PRO A 419 -27.82 -17.82 9.36
CA PRO A 419 -27.79 -16.53 10.07
C PRO A 419 -26.40 -15.91 10.08
N GLY A 420 -26.29 -14.65 9.69
CA GLY A 420 -25.02 -13.94 9.71
C GLY A 420 -24.17 -14.10 8.46
N LEU A 421 -24.51 -15.04 7.59
CA LEU A 421 -23.75 -15.18 6.34
C LEU A 421 -24.26 -14.25 5.23
N LEU A 422 -23.35 -13.81 4.38
CA LEU A 422 -23.68 -12.94 3.26
C LEU A 422 -22.99 -13.38 2.00
N VAL A 423 -23.61 -13.10 0.87
CA VAL A 423 -22.91 -13.13 -0.40
C VAL A 423 -23.11 -11.81 -1.09
N CYS A 424 -22.13 -11.41 -1.88
CA CYS A 424 -22.29 -10.23 -2.72
C CYS A 424 -23.23 -10.61 -3.88
N LEU A 425 -23.64 -9.63 -4.67
CA LEU A 425 -24.66 -9.90 -5.67
C LEU A 425 -24.12 -10.69 -6.85
N HIS A 426 -22.80 -10.86 -6.94
CA HIS A 426 -22.21 -11.73 -7.96
C HIS A 426 -22.35 -13.20 -7.63
N HIS A 427 -22.71 -13.49 -6.39
CA HIS A 427 -22.63 -14.85 -5.87
C HIS A 427 -23.89 -15.30 -5.14
N VAL A 428 -25.03 -14.80 -5.61
CA VAL A 428 -26.33 -15.16 -5.05
C VAL A 428 -26.55 -16.66 -4.95
N LYS A 429 -26.05 -17.41 -5.91
CA LYS A 429 -26.23 -18.86 -5.95
C LYS A 429 -25.28 -19.63 -5.03
N GLU A 430 -24.44 -18.92 -4.27
CA GLU A 430 -23.44 -19.59 -3.45
C GLU A 430 -23.74 -19.56 -1.97
N LEU A 431 -24.90 -19.07 -1.59
CA LEU A 431 -25.19 -18.90 -0.17
C LEU A 431 -25.72 -20.18 0.51
N CYS A 432 -26.72 -20.79 -0.10
CA CYS A 432 -27.34 -22.00 0.46
C CYS A 432 -28.29 -22.66 -0.53
N SER A 433 -28.95 -23.73 -0.11
CA SER A 433 -29.78 -24.51 -1.05
C SER A 433 -31.24 -24.07 -1.02
N CYS A 434 -31.56 -23.08 -0.20
CA CYS A 434 -32.93 -22.59 -0.11
C CYS A 434 -33.33 -21.95 -1.43
N PRO A 435 -34.63 -21.97 -1.76
CA PRO A 435 -35.13 -21.22 -2.90
C PRO A 435 -35.01 -19.73 -2.68
N PRO A 436 -34.72 -18.97 -3.74
CA PRO A 436 -34.48 -17.52 -3.73
C PRO A 436 -35.56 -16.66 -3.07
N TYR A 437 -36.82 -17.08 -3.04
CA TYR A 437 -37.81 -16.24 -2.38
C TYR A 437 -37.60 -16.19 -0.86
N LYS A 438 -36.80 -17.11 -0.33
CA LYS A 438 -36.46 -17.06 1.07
C LYS A 438 -35.31 -16.07 1.35
N TYR A 439 -34.71 -15.53 0.29
CA TYR A 439 -33.57 -14.63 0.45
C TYR A 439 -34.03 -13.20 0.66
N LYS A 440 -33.17 -12.37 1.24
CA LYS A 440 -33.42 -10.94 1.32
C LYS A 440 -32.28 -10.17 0.65
N LEU A 441 -32.63 -9.22 -0.19
CA LEU A 441 -31.64 -8.22 -0.61
C LEU A 441 -31.43 -7.21 0.53
N ARG A 442 -30.23 -7.19 1.09
CA ARG A 442 -29.86 -6.16 2.07
C ARG A 442 -29.15 -5.05 1.36
N TYR A 443 -29.64 -3.81 1.47
CA TYR A 443 -29.04 -2.73 0.69
C TYR A 443 -28.74 -1.52 1.56
N ARG A 444 -27.68 -0.79 1.25
CA ARG A 444 -27.38 0.40 2.05
C ARG A 444 -28.26 1.58 1.64
N TYR A 445 -28.39 1.75 0.33
CA TYR A 445 -29.12 2.86 -0.29
C TYR A 445 -30.04 2.37 -1.41
N THR A 446 -31.18 3.03 -1.57
CA THR A 446 -32.00 2.86 -2.76
C THR A 446 -31.37 3.68 -3.87
N LEU A 447 -31.72 3.38 -5.12
CA LEU A 447 -31.27 4.21 -6.23
C LEU A 447 -31.75 5.64 -6.05
N ASP A 448 -32.94 5.81 -5.48
CA ASP A 448 -33.45 7.14 -5.15
C ASP A 448 -32.60 7.89 -4.13
N ASP A 449 -31.90 7.17 -3.26
CA ASP A 449 -30.99 7.83 -2.33
C ASP A 449 -29.73 8.24 -3.08
N LEU A 450 -29.33 7.41 -4.03
CA LEU A 450 -28.01 7.53 -4.64
C LEU A 450 -27.90 8.67 -5.65
N TYR A 451 -28.93 8.88 -6.47
CA TYR A 451 -28.82 9.96 -7.47
C TYR A 451 -28.67 11.35 -6.84
N PRO A 452 -29.41 11.69 -5.76
CA PRO A 452 -29.13 13.00 -5.17
C PRO A 452 -27.71 13.12 -4.59
N MET A 453 -27.14 12.00 -4.13
CA MET A 453 -25.79 12.03 -3.58
C MET A 453 -24.81 12.36 -4.70
N MET A 454 -25.01 11.73 -5.84
CA MET A 454 -24.14 11.99 -6.98
C MET A 454 -24.33 13.43 -7.47
N ASN A 455 -25.55 13.92 -7.42
N ASN A 455 -25.56 13.91 -7.39
CA ASN A 455 -25.83 15.30 -7.83
CA ASN A 455 -25.86 15.27 -7.82
C ASN A 455 -25.16 16.32 -6.94
C ASN A 455 -25.20 16.33 -6.93
N ALA A 456 -25.05 16.02 -5.65
CA ALA A 456 -24.38 16.92 -4.72
C ALA A 456 -22.93 17.09 -5.14
N LEU A 457 -22.31 15.98 -5.54
CA LEU A 457 -20.92 16.02 -5.98
C LEU A 457 -20.81 16.87 -7.23
N LYS A 458 -21.77 16.70 -8.14
CA LYS A 458 -21.74 17.45 -9.39
C LYS A 458 -21.87 18.94 -9.13
N LEU A 459 -22.81 19.34 -8.28
CA LEU A 459 -22.91 20.74 -7.88
C LEU A 459 -21.61 21.25 -7.28
N ARG A 460 -21.01 20.47 -6.39
CA ARG A 460 -19.78 20.89 -5.75
C ARG A 460 -18.69 21.08 -6.80
N ALA A 461 -18.61 20.16 -7.76
CA ALA A 461 -17.58 20.21 -8.80
C ALA A 461 -17.79 21.35 -9.80
N GLU A 462 -19.00 21.89 -9.89
CA GLU A 462 -19.26 22.97 -10.84
C GLU A 462 -18.89 24.37 -10.30
N SER A 463 -18.83 24.50 -8.98
CA SER A 463 -18.51 25.76 -8.26
C SER A 463 -17.78 26.84 -9.07
ZN ZN B . -18.96 -12.49 -3.84
ZN ZN C . -31.04 -20.74 3.26
C UUN D . 14.23 12.44 -14.75
N UUN D . 16.17 12.16 -16.11
O UUN D . 17.49 11.79 -16.31
S UUN D . 13.43 13.35 -16.09
C1 UUN D . 15.56 11.75 -15.02
N1 UUN D . 12.45 12.46 -18.42
O1 UUN D . 15.99 10.87 -14.29
C2 UUN D . 13.10 12.09 -17.27
N2 UUN D . 13.46 10.85 -17.01
O2 UUN D . 11.54 11.92 -20.43
C3 UUN D . 12.12 11.53 -19.41
C4 UUN D . 12.51 10.20 -19.14
C5 UUN D . 13.15 9.89 -17.96
C6 UUN D . 13.53 8.50 -17.63
C7 UUN D . 14.55 8.24 -16.71
C8 UUN D . 14.88 6.94 -16.38
C9 UUN D . 14.21 5.89 -16.96
C10 UUN D . 13.20 6.13 -17.87
C11 UUN D . 12.85 7.43 -18.20
MN MN E . 5.64 -1.25 -1.07
CL CL F . 20.67 -18.18 0.80
C1 EDO G . -20.69 -5.01 -2.51
O1 EDO G . -21.72 -4.91 -1.50
C2 EDO G . -20.46 -3.70 -3.28
O2 EDO G . -20.22 -2.56 -2.43
C1 EDO H . 10.35 -0.73 14.24
O1 EDO H . 10.52 -0.45 12.84
C2 EDO H . 9.19 0.08 14.76
O2 EDO H . 8.86 -0.38 16.07
C1 EDO I . -34.47 -2.56 -3.23
O1 EDO I . -33.33 -2.15 -4.01
C2 EDO I . -34.95 -1.29 -2.54
O2 EDO I . -34.66 -0.18 -3.39
C1 EDO J . -19.86 -2.59 -7.63
O1 EDO J . -19.48 -1.47 -6.82
C2 EDO J . -21.36 -2.52 -7.84
O2 EDO J . -21.74 -1.24 -7.30
C1 EDO K . 14.05 -2.06 -18.26
O1 EDO K . 14.65 -3.35 -18.11
C2 EDO K . 14.21 -1.55 -19.68
O2 EDO K . 13.42 -2.34 -20.56
C1 EDO L . -20.61 -12.73 6.48
O1 EDO L . -20.54 -13.59 5.34
C2 EDO L . -19.40 -12.87 7.39
O2 EDO L . -18.22 -12.31 6.78
C1 EDO M . -2.32 -0.24 -14.02
O1 EDO M . -1.50 -0.10 -15.19
C2 EDO M . -3.65 -0.88 -14.41
O2 EDO M . -3.51 -2.30 -14.45
C1 EDO N . -35.18 -7.24 -4.22
O1 EDO N . -34.67 -7.92 -5.38
C2 EDO N . -36.17 -6.16 -4.65
O2 EDO N . -37.42 -6.77 -5.03
C1 EDO O . 8.27 -16.67 -21.28
O1 EDO O . 9.51 -17.02 -21.90
C2 EDO O . 8.25 -15.17 -21.03
O2 EDO O . 8.60 -14.50 -22.25
C1 EDO P . 29.56 -11.09 -5.11
O1 EDO P . 29.77 -11.94 -6.25
C2 EDO P . 30.74 -11.15 -4.16
O2 EDO P . 31.94 -10.76 -4.86
C1 EDO Q . -17.12 -5.04 -5.13
O1 EDO Q . -17.01 -6.46 -4.96
C2 EDO Q . -17.33 -4.74 -6.61
O2 EDO Q . -16.34 -5.39 -7.44
C1 EDO R . -3.59 -7.58 -7.06
O1 EDO R . -4.52 -8.40 -7.77
C2 EDO R . -2.96 -8.41 -5.96
O2 EDO R . -3.86 -9.45 -5.60
C1 EDO S . 7.20 22.68 4.06
O1 EDO S . 7.11 21.60 3.12
C2 EDO S . 8.41 22.52 4.98
O2 EDO S . 8.95 23.80 5.33
C1 EDO T . 11.60 7.92 16.20
O1 EDO T . 12.45 8.71 15.35
C2 EDO T . 10.83 8.87 17.11
O2 EDO T . 11.72 9.83 17.67
C1 EDO U . -22.00 -7.85 15.50
O1 EDO U . -22.95 -8.15 14.48
C2 EDO U . -22.50 -8.45 16.81
O2 EDO U . -23.88 -8.08 16.99
C1 EDO V . -31.69 -4.89 8.57
O1 EDO V . -31.25 -5.27 7.27
C2 EDO V . -30.48 -4.75 9.49
O2 EDO V . -30.11 -6.07 9.93
C1 EDO W . -24.91 -13.58 -10.44
O1 EDO W . -25.26 -13.83 -9.07
C2 EDO W . -25.16 -12.10 -10.74
O2 EDO W . -24.28 -11.61 -11.75
S DMS X . 8.57 -8.99 3.60
O DMS X . 8.79 -8.63 2.16
C1 DMS X . 10.17 -9.10 4.45
C2 DMS X . 8.12 -10.74 3.71
S DMS Y . 3.73 1.18 3.58
O DMS Y . 4.96 0.37 3.24
C1 DMS Y . 2.37 0.01 3.84
C2 DMS Y . 3.20 2.09 2.12
S DMS Z . -21.75 6.04 4.33
O DMS Z . -20.30 5.76 4.17
C1 DMS Z . -22.02 7.78 4.79
C2 DMS Z . -22.29 5.25 5.87
S DMS AA . 2.77 -4.80 6.49
O DMS AA . 3.32 -5.79 5.52
C1 DMS AA . 0.97 -4.98 6.54
C2 DMS AA . 2.94 -3.13 5.79
C UUN BA . 8.43 -0.06 1.95
N UUN BA . 6.92 0.89 0.36
O UUN BA . 6.10 0.86 -0.77
S UUN BA . 10.18 -0.43 1.68
C1 UUN BA . 7.57 -0.20 0.71
N1 UUN BA . 11.79 -1.54 3.49
O1 UUN BA . 7.51 -1.26 0.09
C2 UUN BA . 10.52 -1.57 2.98
N2 UUN BA . 9.60 -2.39 3.39
O2 UUN BA . 13.37 -2.33 4.90
C3 UUN BA . 12.20 -2.40 4.48
C4 UUN BA . 11.21 -3.31 4.94
C5 UUN BA . 9.95 -3.28 4.39
C6 UUN BA . 8.89 -4.21 4.83
C7 UUN BA . 7.57 -4.02 4.44
C8 UUN BA . 6.58 -4.89 4.87
C9 UUN BA . 6.90 -5.96 5.68
C10 UUN BA . 8.21 -6.16 6.07
C11 UUN BA . 9.20 -5.30 5.65
P PO4 CA . -34.73 -9.48 9.72
O1 PO4 CA . -34.74 -9.71 8.23
O2 PO4 CA . -36.13 -9.67 10.26
O3 PO4 CA . -33.80 -10.49 10.37
O4 PO4 CA . -34.27 -8.07 10.01
P PO4 DA . -16.24 -17.27 -9.27
O1 PO4 DA . -15.92 -17.89 -10.60
O2 PO4 DA . -17.41 -16.32 -9.42
O3 PO4 DA . -16.58 -18.36 -8.27
O4 PO4 DA . -15.03 -16.53 -8.75
#